data_6SCS
#
_entry.id   6SCS
#
_cell.length_a   34.246
_cell.length_b   75.534
_cell.length_c   52.614
_cell.angle_alpha   90.000
_cell.angle_beta   102.710
_cell.angle_gamma   90.000
#
_symmetry.space_group_name_H-M   'P 1 21 1'
#
loop_
_entity.id
_entity.type
_entity.pdbx_description
1 polymer 'Cell division protein SepF'
2 polymer 'Cell division protein FtsZ'
3 non-polymer 'MAGNESIUM ION'
4 water water
#
loop_
_entity_poly.entity_id
_entity_poly.type
_entity_poly.pdbx_seq_one_letter_code
_entity_poly.pdbx_strand_id
1 'polypeptide(L)' MSYQSTIVPVELHSFEDAQVIGGAFRDGDAVVFDMSLLSREEARRIVDFAAGLCFALRGKMQKIDSVTFAVVPE A,B,D,E
2 'polypeptide(L)' DDLDVPSFLQ P,Q,R,S
#
loop_
_chem_comp.id
_chem_comp.type
_chem_comp.name
_chem_comp.formula
MG non-polymer 'MAGNESIUM ION' 'Mg 2'
#
# COMPACT_ATOMS: atom_id res chain seq x y z
N SER A 5 12.73 7.85 2.71
CA SER A 5 11.78 6.87 2.20
C SER A 5 11.72 6.88 0.66
N THR A 6 11.24 5.79 0.06
CA THR A 6 11.10 5.65 -1.40
C THR A 6 9.63 5.52 -1.77
N ILE A 7 9.29 5.92 -3.03
CA ILE A 7 7.93 5.96 -3.57
C ILE A 7 7.27 4.60 -3.49
N VAL A 8 6.02 4.53 -2.98
CA VAL A 8 5.31 3.26 -2.87
C VAL A 8 4.51 3.01 -4.17
N PRO A 9 4.80 1.92 -4.93
CA PRO A 9 3.99 1.64 -6.14
C PRO A 9 2.70 0.88 -5.83
N VAL A 10 1.61 1.17 -6.55
CA VAL A 10 0.33 0.48 -6.36
C VAL A 10 -0.32 0.12 -7.66
N GLU A 11 -0.68 -1.16 -7.82
CA GLU A 11 -1.49 -1.58 -8.95
C GLU A 11 -2.92 -1.70 -8.43
N LEU A 12 -3.79 -0.81 -8.89
CA LEU A 12 -5.18 -0.73 -8.42
C LEU A 12 -6.10 -1.69 -9.14
N HIS A 13 -6.94 -2.40 -8.37
CA HIS A 13 -7.92 -3.36 -8.85
C HIS A 13 -9.36 -2.89 -8.63
N SER A 14 -9.59 -2.06 -7.57
CA SER A 14 -10.90 -1.48 -7.24
C SER A 14 -10.70 -0.23 -6.45
N PHE A 15 -11.78 0.56 -6.24
CA PHE A 15 -11.76 1.78 -5.45
C PHE A 15 -11.28 1.56 -3.99
N GLU A 16 -11.53 0.35 -3.42
CA GLU A 16 -11.10 0.01 -2.04
C GLU A 16 -9.62 0.00 -1.95
N ASP A 17 -8.98 -0.25 -3.11
CA ASP A 17 -7.54 -0.23 -3.25
C ASP A 17 -6.94 1.19 -3.00
N ALA A 18 -7.79 2.25 -2.87
CA ALA A 18 -7.36 3.65 -2.58
C ALA A 18 -6.79 3.77 -1.16
N GLN A 19 -7.19 2.85 -0.26
CA GLN A 19 -6.74 2.73 1.12
C GLN A 19 -5.22 2.55 1.21
N VAL A 20 -4.62 1.85 0.22
CA VAL A 20 -3.16 1.68 0.12
C VAL A 20 -2.53 3.09 -0.11
N ILE A 21 -3.09 3.86 -1.10
CA ILE A 21 -2.63 5.21 -1.45
C ILE A 21 -2.74 6.09 -0.20
N GLY A 22 -3.94 6.09 0.42
CA GLY A 22 -4.22 6.85 1.63
C GLY A 22 -3.32 6.53 2.83
N GLY A 23 -3.16 5.25 3.09
CA GLY A 23 -2.35 4.75 4.20
C GLY A 23 -0.88 5.14 4.10
N ALA A 24 -0.26 4.89 2.95
CA ALA A 24 1.16 5.21 2.71
C ALA A 24 1.37 6.73 2.66
N PHE A 25 0.47 7.46 1.96
CA PHE A 25 0.52 8.92 1.83
C PHE A 25 0.42 9.65 3.16
N ARG A 26 -0.56 9.30 4.01
CA ARG A 26 -0.69 9.98 5.30
C ARG A 26 0.46 9.63 6.27
N ASP A 27 1.22 8.55 5.98
CA ASP A 27 2.41 8.12 6.73
C ASP A 27 3.68 8.89 6.25
N GLY A 28 3.50 9.82 5.31
CA GLY A 28 4.58 10.66 4.79
C GLY A 28 5.34 10.12 3.59
N ASP A 29 4.79 9.11 2.91
CA ASP A 29 5.44 8.52 1.73
C ASP A 29 4.77 8.93 0.44
N ALA A 30 5.57 9.10 -0.62
CA ALA A 30 5.07 9.41 -1.96
C ALA A 30 4.51 8.11 -2.50
N VAL A 31 3.38 8.20 -3.23
CA VAL A 31 2.74 7.04 -3.80
C VAL A 31 2.58 7.27 -5.31
N VAL A 32 2.95 6.27 -6.10
CA VAL A 32 2.78 6.24 -7.56
C VAL A 32 1.75 5.12 -7.80
N PHE A 33 0.64 5.44 -8.44
CA PHE A 33 -0.38 4.43 -8.62
C PHE A 33 -0.78 4.25 -10.06
N ASP A 34 -1.03 2.99 -10.43
CA ASP A 34 -1.44 2.59 -11.76
C ASP A 34 -2.91 2.24 -11.76
N MET A 35 -3.62 2.71 -12.78
CA MET A 35 -5.07 2.53 -12.95
C MET A 35 -5.44 1.83 -14.25
N SER A 36 -4.51 1.08 -14.84
CA SER A 36 -4.74 0.37 -16.11
C SER A 36 -5.76 -0.78 -16.00
N LEU A 37 -5.98 -1.31 -14.79
CA LEU A 37 -6.95 -2.39 -14.58
C LEU A 37 -8.32 -1.83 -14.16
N LEU A 38 -8.35 -0.53 -13.85
CA LEU A 38 -9.56 0.18 -13.47
C LEU A 38 -10.32 0.66 -14.70
N SER A 39 -11.66 0.75 -14.59
CA SER A 39 -12.53 1.29 -15.63
C SER A 39 -12.36 2.81 -15.60
N ARG A 40 -12.97 3.48 -16.59
CA ARG A 40 -13.00 4.93 -16.77
C ARG A 40 -13.48 5.61 -15.49
N GLU A 41 -14.67 5.20 -14.98
CA GLU A 41 -15.28 5.76 -13.77
C GLU A 41 -14.53 5.39 -12.49
N GLU A 42 -13.95 4.17 -12.39
CA GLU A 42 -13.15 3.81 -11.19
C GLU A 42 -11.92 4.69 -11.08
N ALA A 43 -11.27 5.00 -12.22
CA ALA A 43 -10.08 5.85 -12.25
C ALA A 43 -10.44 7.26 -11.80
N ARG A 44 -11.62 7.74 -12.22
CA ARG A 44 -12.20 9.05 -11.87
C ARG A 44 -12.35 9.16 -10.37
N ARG A 45 -12.91 8.11 -9.74
CA ARG A 45 -13.09 7.93 -8.29
C ARG A 45 -11.76 8.00 -7.53
N ILE A 46 -10.76 7.24 -7.99
CA ILE A 46 -9.40 7.18 -7.41
C ILE A 46 -8.74 8.56 -7.41
N VAL A 47 -8.78 9.24 -8.58
CA VAL A 47 -8.22 10.58 -8.76
C VAL A 47 -8.90 11.59 -7.81
N ASP A 48 -10.24 11.53 -7.67
CA ASP A 48 -10.97 12.41 -6.74
C ASP A 48 -10.59 12.14 -5.29
N PHE A 49 -10.46 10.87 -4.91
CA PHE A 49 -10.05 10.47 -3.55
C PHE A 49 -8.63 10.96 -3.29
N ALA A 50 -7.70 10.70 -4.23
CA ALA A 50 -6.29 11.13 -4.17
C ALA A 50 -6.18 12.65 -4.09
N ALA A 51 -7.03 13.40 -4.83
CA ALA A 51 -7.10 14.86 -4.80
C ALA A 51 -7.49 15.34 -3.39
N GLY A 52 -8.43 14.62 -2.75
CA GLY A 52 -8.87 14.86 -1.39
C GLY A 52 -7.75 14.68 -0.39
N LEU A 53 -6.99 13.56 -0.51
CA LEU A 53 -5.81 13.26 0.32
C LEU A 53 -4.79 14.40 0.25
N CYS A 54 -4.44 14.80 -0.98
CA CYS A 54 -3.51 15.86 -1.34
C CYS A 54 -3.90 17.20 -0.79
N PHE A 55 -5.16 17.60 -0.99
CA PHE A 55 -5.64 18.88 -0.51
C PHE A 55 -5.58 18.97 1.03
N ALA A 56 -6.05 17.94 1.73
CA ALA A 56 -6.10 17.93 3.19
C ALA A 56 -4.71 18.11 3.82
N LEU A 57 -3.67 17.44 3.25
CA LEU A 57 -2.29 17.49 3.77
C LEU A 57 -1.37 18.47 3.02
N ARG A 58 -1.92 19.26 2.08
CA ARG A 58 -1.16 20.24 1.27
C ARG A 58 -0.03 19.55 0.46
N GLY A 59 -0.30 18.36 -0.04
CA GLY A 59 0.65 17.63 -0.85
C GLY A 59 0.57 17.99 -2.32
N LYS A 60 1.42 17.37 -3.16
CA LYS A 60 1.47 17.61 -4.59
C LYS A 60 0.92 16.41 -5.34
N MET A 61 0.11 16.64 -6.36
CA MET A 61 -0.41 15.56 -7.19
C MET A 61 0.08 15.76 -8.63
N GLN A 62 0.60 14.71 -9.28
CA GLN A 62 1.03 14.87 -10.67
C GLN A 62 0.68 13.67 -11.54
N LYS A 63 0.29 13.99 -12.77
CA LYS A 63 -0.04 13.04 -13.81
C LYS A 63 1.25 12.63 -14.46
N ILE A 64 1.50 11.32 -14.53
CA ILE A 64 2.68 10.76 -15.17
C ILE A 64 2.32 10.41 -16.61
N ASP A 65 1.20 9.71 -16.77
CA ASP A 65 0.57 9.35 -18.04
C ASP A 65 -0.96 9.20 -17.78
N SER A 66 -1.73 8.74 -18.77
CA SER A 66 -3.19 8.63 -18.64
C SER A 66 -3.67 7.66 -17.56
N VAL A 67 -2.85 6.65 -17.21
CA VAL A 67 -3.20 5.63 -16.21
C VAL A 67 -2.28 5.66 -14.99
N THR A 68 -1.37 6.66 -14.89
CA THR A 68 -0.40 6.75 -13.78
C THR A 68 -0.32 8.14 -13.19
N PHE A 69 -0.47 8.22 -11.87
CA PHE A 69 -0.41 9.45 -11.10
C PHE A 69 0.43 9.24 -9.85
N ALA A 70 0.86 10.35 -9.23
CA ALA A 70 1.66 10.30 -8.02
C ALA A 70 1.14 11.33 -7.10
N VAL A 71 1.13 10.99 -5.82
CA VAL A 71 0.76 11.89 -4.74
C VAL A 71 1.99 12.01 -3.87
N VAL A 72 2.45 13.25 -3.65
CA VAL A 72 3.69 13.53 -2.92
C VAL A 72 3.43 14.37 -1.65
N PRO A 73 3.89 13.91 -0.47
CA PRO A 73 3.67 14.70 0.76
C PRO A 73 4.44 16.00 0.78
N GLU A 74 3.86 17.00 1.49
CA GLU A 74 4.37 18.36 1.65
C GLU A 74 5.78 18.38 2.23
N VAL B 8 -20.48 24.81 8.85
CA VAL B 8 -20.31 25.30 7.46
C VAL B 8 -21.38 24.63 6.51
N PRO B 9 -22.50 25.33 6.04
CA PRO B 9 -23.51 24.68 5.18
C PRO B 9 -23.41 24.93 3.65
N VAL B 10 -22.38 24.35 3.01
CA VAL B 10 -22.04 24.48 1.60
C VAL B 10 -23.07 23.90 0.61
N GLU B 11 -23.60 24.75 -0.25
CA GLU B 11 -24.51 24.33 -1.29
C GLU B 11 -23.65 24.07 -2.51
N LEU B 12 -23.59 22.82 -2.98
CA LEU B 12 -22.71 22.48 -4.10
C LEU B 12 -23.37 22.67 -5.46
N HIS B 13 -22.67 23.36 -6.38
CA HIS B 13 -23.16 23.62 -7.75
C HIS B 13 -22.43 22.81 -8.80
N SER B 14 -21.16 22.43 -8.53
CA SER B 14 -20.29 21.63 -9.40
C SER B 14 -19.17 21.03 -8.54
N PHE B 15 -18.32 20.18 -9.14
CA PHE B 15 -17.20 19.56 -8.44
C PHE B 15 -16.18 20.60 -7.92
N GLU B 16 -16.06 21.74 -8.60
CA GLU B 16 -15.16 22.83 -8.18
C GLU B 16 -15.47 23.34 -6.76
N ASP B 17 -16.72 23.16 -6.29
CA ASP B 17 -17.11 23.55 -4.94
C ASP B 17 -16.53 22.60 -3.86
N ALA B 18 -15.84 21.55 -4.27
CA ALA B 18 -15.10 20.63 -3.41
C ALA B 18 -14.04 21.44 -2.63
N GLN B 19 -13.50 22.47 -3.27
CA GLN B 19 -12.48 23.38 -2.73
C GLN B 19 -13.00 24.12 -1.47
N VAL B 20 -14.31 24.44 -1.42
CA VAL B 20 -14.94 25.10 -0.28
C VAL B 20 -14.94 24.13 0.93
N ILE B 21 -15.40 22.86 0.69
CA ILE B 21 -15.41 21.78 1.69
C ILE B 21 -13.97 21.57 2.20
N GLY B 22 -13.03 21.39 1.26
CA GLY B 22 -11.61 21.17 1.52
C GLY B 22 -10.94 22.27 2.31
N GLY B 23 -11.16 23.51 1.90
CA GLY B 23 -10.59 24.68 2.56
C GLY B 23 -11.04 24.85 4.00
N ALA B 24 -12.35 24.75 4.26
CA ALA B 24 -12.90 24.89 5.62
C ALA B 24 -12.48 23.70 6.50
N PHE B 25 -12.58 22.47 5.95
CA PHE B 25 -12.21 21.22 6.64
C PHE B 25 -10.75 21.18 7.05
N ARG B 26 -9.81 21.50 6.15
CA ARG B 26 -8.39 21.45 6.53
C ARG B 26 -8.01 22.58 7.52
N ASP B 27 -8.86 23.63 7.62
CA ASP B 27 -8.71 24.73 8.58
C ASP B 27 -9.26 24.36 9.99
N GLY B 28 -9.72 23.12 10.14
CA GLY B 28 -10.23 22.58 11.39
C GLY B 28 -11.71 22.76 11.65
N ASP B 29 -12.49 23.08 10.61
CA ASP B 29 -13.92 23.28 10.76
C ASP B 29 -14.72 22.12 10.20
N ALA B 30 -15.83 21.77 10.87
CA ALA B 30 -16.75 20.74 10.42
C ALA B 30 -17.52 21.37 9.27
N VAL B 31 -17.79 20.58 8.22
CA VAL B 31 -18.51 21.06 7.06
C VAL B 31 -19.72 20.12 6.85
N VAL B 32 -20.87 20.71 6.63
CA VAL B 32 -22.10 20.03 6.24
C VAL B 32 -22.38 20.52 4.81
N PHE B 33 -22.49 19.60 3.86
CA PHE B 33 -22.70 20.00 2.49
C PHE B 33 -23.93 19.35 1.88
N ASP B 34 -24.59 20.11 1.01
CA ASP B 34 -25.78 19.70 0.30
C ASP B 34 -25.45 19.39 -1.17
N MET B 35 -25.97 18.24 -1.66
CA MET B 35 -25.75 17.75 -3.02
C MET B 35 -27.02 17.62 -3.87
N SER B 36 -28.10 18.32 -3.47
CA SER B 36 -29.37 18.30 -4.19
C SER B 36 -29.29 18.90 -5.61
N LEU B 37 -28.30 19.78 -5.88
CA LEU B 37 -28.16 20.44 -7.19
C LEU B 37 -27.27 19.70 -8.17
N LEU B 38 -26.53 18.79 -7.66
CA LEU B 38 -25.57 17.99 -8.40
C LEU B 38 -26.22 16.82 -9.10
N SER B 39 -25.61 16.36 -10.18
CA SER B 39 -26.04 15.13 -10.87
C SER B 39 -25.52 13.97 -10.02
N ARG B 40 -25.95 12.75 -10.32
CA ARG B 40 -25.49 11.56 -9.60
C ARG B 40 -23.97 11.39 -9.74
N GLU B 41 -23.44 11.68 -10.94
CA GLU B 41 -22.01 11.57 -11.25
C GLU B 41 -21.21 12.58 -10.44
N GLU B 42 -21.72 13.83 -10.31
CA GLU B 42 -21.06 14.91 -9.57
C GLU B 42 -21.04 14.65 -8.08
N ALA B 43 -22.15 14.11 -7.54
CA ALA B 43 -22.30 13.80 -6.10
C ALA B 43 -21.30 12.70 -5.71
N ARG B 44 -21.09 11.69 -6.58
CA ARG B 44 -20.14 10.61 -6.40
C ARG B 44 -18.72 11.19 -6.28
N ARG B 45 -18.37 12.11 -7.21
CA ARG B 45 -17.09 12.83 -7.20
C ARG B 45 -16.86 13.57 -5.87
N ILE B 46 -17.88 14.34 -5.38
CA ILE B 46 -17.84 15.08 -4.12
C ILE B 46 -17.59 14.15 -2.93
N VAL B 47 -18.34 13.03 -2.87
CA VAL B 47 -18.23 12.05 -1.81
C VAL B 47 -16.82 11.42 -1.80
N ASP B 48 -16.26 11.09 -2.99
CA ASP B 48 -14.90 10.54 -3.09
C ASP B 48 -13.85 11.54 -2.64
N PHE B 49 -14.01 12.82 -3.03
CA PHE B 49 -13.09 13.87 -2.64
C PHE B 49 -13.14 14.06 -1.14
N ALA B 50 -14.37 14.17 -0.57
CA ALA B 50 -14.61 14.34 0.85
C ALA B 50 -14.04 13.16 1.65
N ALA B 51 -14.17 11.91 1.12
CA ALA B 51 -13.61 10.69 1.72
C ALA B 51 -12.08 10.79 1.80
N GLY B 52 -11.47 11.35 0.75
CA GLY B 52 -10.03 11.62 0.67
C GLY B 52 -9.57 12.58 1.73
N LEU B 53 -10.32 13.70 1.90
CA LEU B 53 -10.06 14.74 2.91
C LEU B 53 -10.06 14.12 4.32
N CYS B 54 -11.09 13.30 4.60
CA CYS B 54 -11.29 12.64 5.88
C CYS B 54 -10.24 11.66 6.20
N PHE B 55 -9.95 10.76 5.23
CA PHE B 55 -8.94 9.74 5.41
C PHE B 55 -7.59 10.36 5.74
N ALA B 56 -7.18 11.38 4.98
CA ALA B 56 -5.87 12.01 5.18
C ALA B 56 -5.69 12.59 6.59
N LEU B 57 -6.71 13.28 7.12
CA LEU B 57 -6.65 13.92 8.43
C LEU B 57 -7.29 13.08 9.57
N ARG B 58 -7.68 11.81 9.29
CA ARG B 58 -8.34 10.90 10.26
C ARG B 58 -9.66 11.51 10.84
N GLY B 59 -10.39 12.23 9.97
CA GLY B 59 -11.65 12.88 10.31
C GLY B 59 -12.81 11.91 10.21
N LYS B 60 -14.00 12.36 10.58
CA LYS B 60 -15.21 11.55 10.56
C LYS B 60 -16.09 12.03 9.41
N MET B 61 -16.62 11.11 8.61
CA MET B 61 -17.56 11.43 7.54
C MET B 61 -18.89 10.74 7.85
N GLN B 62 -20.02 11.47 7.75
CA GLN B 62 -21.32 10.85 8.01
C GLN B 62 -22.38 11.39 7.07
N LYS B 63 -23.27 10.50 6.63
CA LYS B 63 -24.41 10.79 5.77
C LYS B 63 -25.52 11.19 6.73
N ILE B 64 -26.10 12.38 6.53
CA ILE B 64 -27.15 12.94 7.39
C ILE B 64 -28.51 12.48 6.87
N ASP B 65 -28.74 12.72 5.59
CA ASP B 65 -29.90 12.27 4.83
C ASP B 65 -29.39 11.99 3.42
N SER B 66 -30.27 11.72 2.44
CA SER B 66 -29.90 11.29 1.10
C SER B 66 -28.99 12.24 0.31
N VAL B 67 -29.11 13.58 0.51
CA VAL B 67 -28.36 14.62 -0.21
C VAL B 67 -27.49 15.50 0.72
N THR B 68 -27.38 15.13 2.01
CA THR B 68 -26.64 15.87 3.05
C THR B 68 -25.58 14.98 3.71
N PHE B 69 -24.30 15.41 3.70
CA PHE B 69 -23.18 14.73 4.36
C PHE B 69 -22.41 15.74 5.19
N ALA B 70 -21.65 15.23 6.16
CA ALA B 70 -20.84 16.04 7.03
C ALA B 70 -19.43 15.47 7.10
N VAL B 71 -18.45 16.34 7.13
CA VAL B 71 -17.05 15.96 7.32
C VAL B 71 -16.59 16.68 8.58
N VAL B 72 -16.11 15.93 9.57
CA VAL B 72 -15.74 16.45 10.90
C VAL B 72 -14.25 16.22 11.22
N PRO B 73 -13.50 17.29 11.53
CA PRO B 73 -12.07 17.11 11.84
C PRO B 73 -11.78 16.40 13.15
N GLU B 74 -10.51 16.02 13.30
CA GLU B 74 -9.85 15.48 14.50
C GLU B 74 -10.70 14.45 15.28
N MET C 1 -4.58 9.78 21.08
CA MET C 1 -3.20 9.54 21.50
C MET C 1 -2.32 10.48 20.69
N SER C 2 -1.10 10.78 21.17
CA SER C 2 -0.15 11.54 20.39
C SER C 2 0.42 10.57 19.35
N TYR C 3 0.62 9.28 19.74
CA TYR C 3 1.08 8.27 18.78
C TYR C 3 -0.03 7.94 17.79
N GLN C 4 0.27 7.99 16.48
CA GLN C 4 -0.66 7.64 15.41
C GLN C 4 -0.18 6.36 14.71
N SER C 5 -1.09 5.41 14.51
CA SER C 5 -0.78 4.16 13.82
C SER C 5 -0.35 4.44 12.35
N THR C 6 0.53 3.59 11.84
CA THR C 6 1.04 3.71 10.47
C THR C 6 0.50 2.56 9.61
N ILE C 7 -0.33 1.65 10.21
CA ILE C 7 -0.87 0.48 9.52
C ILE C 7 -1.42 0.83 8.14
N VAL C 8 -0.90 0.12 7.10
CA VAL C 8 -1.34 0.24 5.73
C VAL C 8 -2.01 -1.10 5.39
N PRO C 9 -3.34 -1.13 5.14
CA PRO C 9 -4.00 -2.39 4.76
C PRO C 9 -3.71 -2.71 3.29
N VAL C 10 -3.40 -3.99 2.96
CA VAL C 10 -3.07 -4.41 1.58
C VAL C 10 -3.82 -5.67 1.15
N GLU C 11 -4.66 -5.59 0.09
CA GLU C 11 -5.37 -6.72 -0.48
C GLU C 11 -4.52 -7.26 -1.61
N LEU C 12 -4.08 -8.53 -1.48
CA LEU C 12 -3.18 -9.16 -2.46
C LEU C 12 -3.92 -9.86 -3.58
N HIS C 13 -3.46 -9.61 -4.80
CA HIS C 13 -4.08 -10.17 -6.01
C HIS C 13 -3.17 -11.18 -6.71
N SER C 14 -1.85 -11.06 -6.54
CA SER C 14 -0.82 -11.95 -7.07
C SER C 14 0.48 -11.74 -6.25
N PHE C 15 1.53 -12.54 -6.52
CA PHE C 15 2.81 -12.39 -5.81
C PHE C 15 3.45 -11.01 -6.06
N GLU C 16 3.18 -10.38 -7.22
CA GLU C 16 3.71 -9.07 -7.59
C GLU C 16 3.29 -7.98 -6.60
N ASP C 17 2.15 -8.19 -5.88
CA ASP C 17 1.71 -7.27 -4.84
C ASP C 17 2.57 -7.35 -3.58
N ALA C 18 3.58 -8.26 -3.58
CA ALA C 18 4.55 -8.37 -2.49
C ALA C 18 5.34 -7.03 -2.40
N GLN C 19 5.45 -6.31 -3.54
CA GLN C 19 6.12 -5.02 -3.71
C GLN C 19 5.41 -3.92 -2.89
N VAL C 20 4.06 -4.03 -2.75
CA VAL C 20 3.27 -3.08 -1.95
C VAL C 20 3.63 -3.26 -0.47
N ILE C 21 3.62 -4.51 0.03
CA ILE C 21 3.98 -4.86 1.42
C ILE C 21 5.41 -4.36 1.68
N GLY C 22 6.32 -4.72 0.78
CA GLY C 22 7.73 -4.35 0.86
C GLY C 22 7.98 -2.86 0.86
N GLY C 23 7.31 -2.15 -0.04
CA GLY C 23 7.44 -0.71 -0.17
C GLY C 23 7.00 0.06 1.07
N ALA C 24 5.82 -0.26 1.60
CA ALA C 24 5.28 0.41 2.77
C ALA C 24 6.10 0.02 4.04
N PHE C 25 6.42 -1.28 4.17
CA PHE C 25 7.19 -1.81 5.29
C PHE C 25 8.60 -1.24 5.39
N ARG C 26 9.35 -1.18 4.27
CA ARG C 26 10.72 -0.63 4.33
C ARG C 26 10.73 0.90 4.55
N ASP C 27 9.57 1.55 4.32
CA ASP C 27 9.37 2.98 4.59
C ASP C 27 9.03 3.23 6.11
N GLY C 28 8.98 2.17 6.91
CA GLY C 28 8.72 2.22 8.35
C GLY C 28 7.26 2.15 8.76
N ASP C 29 6.40 1.64 7.87
CA ASP C 29 4.97 1.50 8.16
C ASP C 29 4.60 0.05 8.41
N ALA C 30 3.65 -0.17 9.33
CA ALA C 30 3.13 -1.50 9.61
C ALA C 30 2.19 -1.84 8.46
N VAL C 31 2.20 -3.10 8.02
CA VAL C 31 1.35 -3.55 6.92
C VAL C 31 0.52 -4.74 7.43
N VAL C 32 -0.78 -4.72 7.18
CA VAL C 32 -1.70 -5.83 7.45
C VAL C 32 -2.15 -6.27 6.06
N PHE C 33 -1.92 -7.54 5.71
CA PHE C 33 -2.24 -7.97 4.37
C PHE C 33 -3.16 -9.15 4.34
N ASP C 34 -4.07 -9.13 3.37
CA ASP C 34 -5.05 -10.17 3.17
C ASP C 34 -4.66 -11.02 1.96
N MET C 35 -4.78 -12.33 2.08
CA MET C 35 -4.42 -13.30 1.04
C MET C 35 -5.59 -14.19 0.62
N SER C 36 -6.83 -13.76 0.88
CA SER C 36 -8.04 -14.51 0.53
C SER C 36 -8.27 -14.67 -0.97
N LEU C 37 -7.68 -13.78 -1.79
CA LEU C 37 -7.83 -13.85 -3.26
C LEU C 37 -6.70 -14.68 -3.87
N LEU C 38 -5.69 -15.00 -3.03
CA LEU C 38 -4.55 -15.79 -3.43
C LEU C 38 -4.81 -17.29 -3.27
N SER C 39 -4.11 -18.09 -4.08
CA SER C 39 -4.14 -19.54 -3.96
C SER C 39 -3.26 -19.88 -2.74
N ARG C 40 -3.29 -21.14 -2.23
CA ARG C 40 -2.44 -21.44 -1.07
C ARG C 40 -0.93 -21.49 -1.50
N GLU C 41 -0.63 -21.69 -2.81
CA GLU C 41 0.75 -21.64 -3.33
C GLU C 41 1.26 -20.19 -3.34
N GLU C 42 0.41 -19.23 -3.72
CA GLU C 42 0.72 -17.80 -3.76
C GLU C 42 0.88 -17.22 -2.37
N ALA C 43 0.01 -17.65 -1.42
CA ALA C 43 0.05 -17.22 -0.02
C ALA C 43 1.37 -17.65 0.63
N ARG C 44 1.86 -18.87 0.29
CA ARG C 44 3.13 -19.44 0.77
C ARG C 44 4.28 -18.51 0.35
N ARG C 45 4.26 -18.09 -0.93
CA ARG C 45 5.23 -17.18 -1.53
C ARG C 45 5.28 -15.83 -0.82
N ILE C 46 4.08 -15.22 -0.58
CA ILE C 46 3.90 -13.95 0.14
C ILE C 46 4.46 -14.00 1.53
N VAL C 47 4.11 -15.05 2.29
CA VAL C 47 4.59 -15.28 3.66
C VAL C 47 6.11 -15.40 3.71
N ASP C 48 6.74 -16.14 2.77
CA ASP C 48 8.20 -16.27 2.70
C ASP C 48 8.87 -14.94 2.39
N PHE C 49 8.30 -14.16 1.44
CA PHE C 49 8.81 -12.84 1.07
C PHE C 49 8.69 -11.90 2.27
N ALA C 50 7.49 -11.85 2.91
CA ALA C 50 7.22 -11.03 4.09
C ALA C 50 8.13 -11.40 5.25
N ALA C 51 8.44 -12.71 5.42
CA ALA C 51 9.36 -13.20 6.47
C ALA C 51 10.74 -12.63 6.24
N GLY C 52 11.16 -12.58 4.95
CA GLY C 52 12.43 -12.00 4.51
C GLY C 52 12.52 -10.52 4.84
N LEU C 53 11.43 -9.76 4.55
CA LEU C 53 11.32 -8.32 4.87
C LEU C 53 11.51 -8.09 6.36
N CYS C 54 10.78 -8.85 7.18
CA CYS C 54 10.79 -8.82 8.64
C CYS C 54 12.13 -9.13 9.24
N PHE C 55 12.75 -10.21 8.78
CA PHE C 55 14.04 -10.64 9.27
C PHE C 55 15.10 -9.58 9.00
N ALA C 56 15.17 -9.06 7.76
CA ALA C 56 16.16 -8.05 7.37
C ALA C 56 16.12 -6.80 8.23
N LEU C 57 14.92 -6.29 8.54
CA LEU C 57 14.72 -5.07 9.32
C LEU C 57 14.38 -5.30 10.80
N ARG C 58 14.51 -6.56 11.28
CA ARG C 58 14.27 -6.94 12.69
C ARG C 58 12.84 -6.58 13.16
N GLY C 59 11.88 -6.71 12.24
CA GLY C 59 10.49 -6.41 12.50
C GLY C 59 9.77 -7.56 13.16
N LYS C 60 8.48 -7.36 13.45
CA LYS C 60 7.63 -8.38 14.04
C LYS C 60 6.61 -8.86 13.01
N MET C 61 6.46 -10.18 12.87
CA MET C 61 5.48 -10.76 11.96
C MET C 61 4.44 -11.54 12.79
N GLN C 62 3.15 -11.32 12.51
CA GLN C 62 2.11 -12.05 13.24
C GLN C 62 0.98 -12.50 12.37
N LYS C 63 0.51 -13.73 12.66
CA LYS C 63 -0.62 -14.34 12.01
C LYS C 63 -1.86 -13.86 12.71
N ILE C 64 -2.80 -13.31 11.94
CA ILE C 64 -4.09 -12.82 12.48
C ILE C 64 -5.11 -13.95 12.30
N ASP C 65 -5.17 -14.51 11.09
CA ASP C 65 -5.95 -15.69 10.70
C ASP C 65 -5.28 -16.35 9.51
N SER C 66 -5.83 -17.47 9.04
CA SER C 66 -5.25 -18.24 7.93
C SER C 66 -4.94 -17.41 6.68
N VAL C 67 -5.67 -16.29 6.44
CA VAL C 67 -5.51 -15.44 5.27
C VAL C 67 -5.04 -13.99 5.61
N THR C 68 -4.68 -13.71 6.86
CA THR C 68 -4.30 -12.36 7.27
C THR C 68 -3.09 -12.36 8.18
N PHE C 69 -2.10 -11.54 7.82
CA PHE C 69 -0.83 -11.40 8.55
C PHE C 69 -0.47 -9.95 8.65
N ALA C 70 0.34 -9.62 9.64
CA ALA C 70 0.83 -8.27 9.87
C ALA C 70 2.35 -8.27 9.96
N VAL C 71 2.97 -7.29 9.32
CA VAL C 71 4.41 -7.09 9.42
C VAL C 71 4.60 -5.70 10.06
N VAL C 72 5.30 -5.65 11.20
CA VAL C 72 5.45 -4.43 11.98
C VAL C 72 6.92 -4.03 12.12
N PRO C 73 7.30 -2.77 11.74
CA PRO C 73 8.70 -2.34 11.87
C PRO C 73 9.18 -2.27 13.34
N GLU C 74 10.49 -2.58 13.57
CA GLU C 74 11.16 -2.63 14.89
C GLU C 74 10.99 -1.35 15.70
N VAL D 8 32.46 -17.40 0.53
CA VAL D 8 32.12 -18.67 1.19
C VAL D 8 30.63 -18.97 1.01
N PRO D 9 30.26 -19.80 -0.01
CA PRO D 9 28.82 -20.05 -0.26
C PRO D 9 28.08 -20.83 0.81
N VAL D 10 26.97 -20.23 1.33
CA VAL D 10 26.07 -20.85 2.30
C VAL D 10 25.45 -22.07 1.62
N GLU D 11 25.73 -23.26 2.16
CA GLU D 11 25.16 -24.47 1.58
C GLU D 11 23.82 -24.71 2.25
N LEU D 12 22.69 -24.55 1.50
CA LEU D 12 21.34 -24.73 2.05
C LEU D 12 20.88 -26.20 2.02
N HIS D 13 20.41 -26.72 3.17
CA HIS D 13 19.91 -28.10 3.32
C HIS D 13 18.39 -28.18 3.37
N SER D 14 17.74 -27.07 3.81
CA SER D 14 16.29 -26.92 3.98
C SER D 14 15.96 -25.44 4.04
N PHE D 15 14.67 -25.10 4.11
CA PHE D 15 14.26 -23.70 4.21
C PHE D 15 14.79 -23.01 5.50
N GLU D 16 14.96 -23.76 6.59
CA GLU D 16 15.49 -23.22 7.86
C GLU D 16 16.87 -22.54 7.71
N ASP D 17 17.68 -22.96 6.73
CA ASP D 17 18.98 -22.35 6.47
C ASP D 17 18.85 -20.92 5.88
N ALA D 18 17.61 -20.43 5.64
CA ALA D 18 17.29 -19.06 5.20
C ALA D 18 17.78 -18.07 6.28
N GLN D 19 17.74 -18.51 7.54
CA GLN D 19 18.20 -17.76 8.73
C GLN D 19 19.68 -17.39 8.64
N VAL D 20 20.50 -18.28 8.03
CA VAL D 20 21.96 -18.11 7.81
C VAL D 20 22.18 -17.01 6.78
N ILE D 21 21.38 -16.99 5.71
CA ILE D 21 21.45 -15.96 4.68
C ILE D 21 21.07 -14.64 5.31
N GLY D 22 19.92 -14.63 5.99
CA GLY D 22 19.35 -13.47 6.66
C GLY D 22 20.24 -12.83 7.70
N GLY D 23 20.83 -13.66 8.57
CA GLY D 23 21.71 -13.21 9.65
C GLY D 23 22.95 -12.46 9.15
N ALA D 24 23.66 -13.03 8.17
CA ALA D 24 24.87 -12.40 7.61
C ALA D 24 24.52 -11.14 6.79
N PHE D 25 23.47 -11.24 5.97
CA PHE D 25 23.00 -10.13 5.12
C PHE D 25 22.55 -8.91 5.91
N ARG D 26 21.72 -9.11 6.96
CA ARG D 26 21.28 -7.95 7.74
C ARG D 26 22.41 -7.34 8.59
N ASP D 27 23.53 -8.09 8.77
CA ASP D 27 24.74 -7.63 9.46
C ASP D 27 25.66 -6.82 8.52
N GLY D 28 25.22 -6.62 7.28
CA GLY D 28 25.94 -5.83 6.28
C GLY D 28 26.92 -6.60 5.42
N ASP D 29 26.82 -7.94 5.37
CA ASP D 29 27.70 -8.77 4.57
C ASP D 29 27.00 -9.30 3.35
N ALA D 30 27.73 -9.39 2.23
CA ALA D 30 27.24 -9.98 0.99
C ALA D 30 27.19 -11.50 1.22
N VAL D 31 26.16 -12.16 0.72
CA VAL D 31 25.99 -13.61 0.91
C VAL D 31 25.83 -14.25 -0.45
N VAL D 32 26.55 -15.33 -0.67
CA VAL D 32 26.45 -16.20 -1.84
C VAL D 32 25.87 -17.53 -1.30
N PHE D 33 24.74 -17.96 -1.85
CA PHE D 33 24.13 -19.18 -1.37
C PHE D 33 23.89 -20.21 -2.47
N ASP D 34 24.09 -21.48 -2.13
CA ASP D 34 23.98 -22.61 -3.01
C ASP D 34 22.73 -23.42 -2.67
N MET D 35 21.87 -23.59 -3.67
CA MET D 35 20.61 -24.33 -3.58
C MET D 35 20.66 -25.71 -4.25
N SER D 36 21.88 -26.32 -4.48
CA SER D 36 22.03 -27.62 -5.15
C SER D 36 21.30 -28.78 -4.46
N LEU D 37 21.16 -28.74 -3.14
CA LEU D 37 20.54 -29.81 -2.35
C LEU D 37 19.06 -29.64 -2.16
N LEU D 38 18.52 -28.50 -2.57
CA LEU D 38 17.12 -28.16 -2.42
C LEU D 38 16.29 -28.68 -3.55
N SER D 39 15.01 -29.02 -3.26
CA SER D 39 14.04 -29.38 -4.31
C SER D 39 13.68 -28.08 -5.03
N ARG D 40 12.95 -28.12 -6.19
CA ARG D 40 12.57 -26.85 -6.84
C ARG D 40 11.64 -26.04 -5.93
N GLU D 41 10.75 -26.74 -5.18
CA GLU D 41 9.81 -26.08 -4.23
C GLU D 41 10.56 -25.34 -3.13
N GLU D 42 11.63 -25.93 -2.58
CA GLU D 42 12.46 -25.35 -1.54
C GLU D 42 13.28 -24.17 -2.04
N ALA D 43 13.80 -24.29 -3.27
CA ALA D 43 14.61 -23.25 -3.92
C ALA D 43 13.73 -21.99 -4.17
N ARG D 44 12.47 -22.22 -4.55
CA ARG D 44 11.49 -21.16 -4.79
C ARG D 44 11.29 -20.37 -3.48
N ARG D 45 11.13 -21.09 -2.34
CA ARG D 45 10.96 -20.52 -1.00
C ARG D 45 12.17 -19.66 -0.60
N ILE D 46 13.40 -20.17 -0.80
CA ILE D 46 14.64 -19.46 -0.49
C ILE D 46 14.76 -18.17 -1.31
N VAL D 47 14.54 -18.26 -2.64
CA VAL D 47 14.60 -17.11 -3.55
C VAL D 47 13.58 -16.03 -3.11
N ASP D 48 12.35 -16.45 -2.72
CA ASP D 48 11.32 -15.49 -2.23
C ASP D 48 11.75 -14.83 -0.91
N PHE D 49 12.32 -15.63 0.02
CA PHE D 49 12.80 -15.13 1.30
C PHE D 49 13.95 -14.14 1.04
N ALA D 50 14.92 -14.53 0.22
CA ALA D 50 16.09 -13.72 -0.15
C ALA D 50 15.68 -12.43 -0.84
N ALA D 51 14.65 -12.48 -1.71
CA ALA D 51 14.09 -11.32 -2.38
C ALA D 51 13.50 -10.35 -1.34
N GLY D 52 12.82 -10.89 -0.33
CA GLY D 52 12.28 -10.13 0.79
C GLY D 52 13.36 -9.41 1.59
N LEU D 53 14.41 -10.17 1.96
CA LEU D 53 15.56 -9.64 2.70
C LEU D 53 16.19 -8.47 1.96
N CYS D 54 16.37 -8.68 0.65
CA CYS D 54 17.03 -7.78 -0.29
C CYS D 54 16.20 -6.51 -0.58
N PHE D 55 14.88 -6.64 -0.79
CA PHE D 55 13.97 -5.52 -1.01
C PHE D 55 13.87 -4.66 0.23
N ALA D 56 13.88 -5.29 1.42
CA ALA D 56 13.77 -4.60 2.71
C ALA D 56 14.88 -3.60 2.96
N LEU D 57 16.09 -4.00 2.63
CA LEU D 57 17.30 -3.22 2.86
C LEU D 57 17.83 -2.53 1.59
N ARG D 58 17.05 -2.55 0.48
CA ARG D 58 17.41 -1.92 -0.79
C ARG D 58 18.74 -2.47 -1.38
N GLY D 59 18.96 -3.75 -1.17
CA GLY D 59 20.15 -4.47 -1.61
C GLY D 59 20.06 -4.91 -3.04
N LYS D 60 21.11 -5.56 -3.53
CA LYS D 60 21.19 -6.09 -4.88
C LYS D 60 21.13 -7.61 -4.84
N MET D 61 20.32 -8.23 -5.70
CA MET D 61 20.22 -9.68 -5.81
C MET D 61 20.67 -10.10 -7.20
N GLN D 62 21.60 -11.07 -7.29
CA GLN D 62 22.06 -11.53 -8.61
C GLN D 62 22.24 -13.02 -8.70
N LYS D 63 21.90 -13.57 -9.87
CA LYS D 63 22.02 -14.99 -10.19
C LYS D 63 23.44 -15.22 -10.66
N ILE D 64 24.14 -16.15 -10.04
CA ILE D 64 25.52 -16.51 -10.41
C ILE D 64 25.53 -17.71 -11.36
N ASP D 65 24.84 -18.79 -11.00
CA ASP D 65 24.67 -19.95 -11.87
C ASP D 65 23.22 -20.39 -11.66
N SER D 66 22.76 -21.50 -12.25
CA SER D 66 21.36 -21.91 -12.12
C SER D 66 20.92 -22.21 -10.69
N VAL D 67 21.84 -22.55 -9.77
CA VAL D 67 21.42 -22.80 -8.38
C VAL D 67 22.09 -21.84 -7.38
N THR D 68 22.94 -20.92 -7.86
CA THR D 68 23.65 -20.02 -6.98
C THR D 68 23.27 -18.57 -7.17
N PHE D 69 23.01 -17.88 -6.06
CA PHE D 69 22.60 -16.48 -6.03
C PHE D 69 23.38 -15.74 -4.97
N ALA D 70 23.48 -14.42 -5.12
CA ALA D 70 24.15 -13.53 -4.20
C ALA D 70 23.25 -12.37 -3.84
N VAL D 71 23.24 -12.05 -2.57
CA VAL D 71 22.49 -10.93 -2.03
C VAL D 71 23.53 -9.97 -1.49
N VAL D 72 23.53 -8.72 -1.97
CA VAL D 72 24.53 -7.70 -1.64
C VAL D 72 23.91 -6.49 -0.95
N PRO D 73 24.41 -6.09 0.25
CA PRO D 73 23.86 -4.93 0.95
C PRO D 73 24.09 -3.60 0.22
N ASP E 1 -28.66 9.99 -4.86
CA ASP E 1 -28.96 10.01 -3.42
C ASP E 1 -28.84 8.63 -2.78
N ASP E 2 -28.22 7.70 -3.53
CA ASP E 2 -27.95 6.30 -3.23
C ASP E 2 -26.52 6.13 -2.69
N LEU E 3 -25.84 7.25 -2.46
CA LEU E 3 -24.46 7.27 -2.06
C LEU E 3 -24.28 7.21 -0.55
N ASP E 4 -23.16 6.67 -0.12
CA ASP E 4 -22.83 6.61 1.30
C ASP E 4 -21.34 6.79 1.51
N VAL E 5 -20.93 6.86 2.78
CA VAL E 5 -19.55 7.01 3.21
C VAL E 5 -18.85 5.70 2.83
N PRO E 6 -17.71 5.74 2.09
CA PRO E 6 -17.00 4.48 1.77
C PRO E 6 -16.73 3.67 3.05
N SER E 7 -17.01 2.36 3.00
CA SER E 7 -16.91 1.42 4.11
C SER E 7 -15.62 1.48 4.90
N PHE E 8 -14.48 1.67 4.21
CA PHE E 8 -13.15 1.70 4.83
C PHE E 8 -12.86 2.92 5.69
N LEU E 9 -13.81 3.90 5.74
CA LEU E 9 -13.68 5.07 6.60
C LEU E 9 -14.24 4.77 7.99
N GLN E 10 -14.82 3.57 8.19
CA GLN E 10 -15.31 3.14 9.51
C GLN E 10 -14.07 2.94 10.42
N ASP F 2 -10.52 13.84 -20.57
CA ASP F 2 -9.17 13.43 -20.18
C ASP F 2 -9.01 13.64 -18.68
N LEU F 3 -8.66 12.57 -17.97
CA LEU F 3 -8.48 12.52 -16.52
C LEU F 3 -7.25 13.32 -16.11
N ASP F 4 -7.45 14.46 -15.39
CA ASP F 4 -6.34 15.32 -15.00
C ASP F 4 -6.37 15.71 -13.54
N VAL F 5 -5.35 16.45 -13.07
CA VAL F 5 -5.25 16.96 -11.72
C VAL F 5 -6.32 18.05 -11.58
N PRO F 6 -7.23 18.00 -10.58
CA PRO F 6 -8.21 19.09 -10.42
C PRO F 6 -7.51 20.43 -10.27
N SER F 7 -8.04 21.46 -10.96
CA SER F 7 -7.52 22.83 -11.00
C SER F 7 -7.16 23.45 -9.64
N PHE F 8 -7.97 23.18 -8.60
CA PHE F 8 -7.78 23.77 -7.28
C PHE F 8 -6.58 23.21 -6.50
N LEU F 9 -5.87 22.22 -7.07
CA LEU F 9 -4.66 21.66 -6.47
C LEU F 9 -3.44 22.44 -6.96
N ASP G 2 -2.53 -24.16 7.80
CA ASP G 2 -1.22 -24.56 8.34
C ASP G 2 -0.21 -23.44 8.25
N LEU G 3 -0.33 -22.60 7.18
CA LEU G 3 0.52 -21.46 6.83
C LEU G 3 0.76 -20.57 8.05
N ASP G 4 2.00 -20.55 8.56
CA ASP G 4 2.33 -19.76 9.74
C ASP G 4 3.66 -19.01 9.57
N VAL G 5 3.98 -18.19 10.58
CA VAL G 5 5.21 -17.41 10.67
C VAL G 5 6.37 -18.42 10.79
N PRO G 6 7.42 -18.34 9.91
CA PRO G 6 8.55 -19.26 10.04
C PRO G 6 9.13 -19.23 11.45
N SER G 7 9.44 -20.41 11.98
CA SER G 7 9.97 -20.66 13.32
C SER G 7 11.14 -19.77 13.74
N PHE G 8 12.07 -19.48 12.82
CA PHE G 8 13.26 -18.69 13.11
C PHE G 8 13.00 -17.19 13.35
N LEU G 9 11.73 -16.74 13.19
CA LEU G 9 11.35 -15.36 13.45
C LEU G 9 10.93 -15.21 14.92
N LEU H 3 13.59 -20.32 -12.45
CA LEU H 3 14.12 -19.81 -11.19
C LEU H 3 15.04 -18.59 -11.40
N ASP H 4 14.51 -17.38 -11.20
CA ASP H 4 15.26 -16.14 -11.38
C ASP H 4 14.88 -15.12 -10.32
N VAL H 5 15.65 -14.01 -10.29
CA VAL H 5 15.45 -12.88 -9.40
C VAL H 5 14.09 -12.23 -9.77
N PRO H 6 13.16 -12.05 -8.79
CA PRO H 6 11.89 -11.37 -9.14
C PRO H 6 12.15 -10.01 -9.77
N SER H 7 11.40 -9.72 -10.85
CA SER H 7 11.49 -8.51 -11.67
C SER H 7 11.50 -7.19 -10.87
N PHE H 8 10.70 -7.10 -9.79
CA PHE H 8 10.59 -5.88 -8.98
C PHE H 8 11.84 -5.53 -8.15
N LEU H 9 12.87 -6.41 -8.17
CA LEU H 9 14.14 -6.17 -7.48
C LEU H 9 15.09 -5.40 -8.40
N GLN H 10 14.65 -5.07 -9.64
CA GLN H 10 15.43 -4.27 -10.60
C GLN H 10 15.68 -2.87 -10.04
MG MG I . -11.10 -4.43 -10.88
#